data_5Z5X
#
_entry.id   5Z5X
#
_entity_poly.entity_id   1
_entity_poly.type   'polypeptide(L)'
_entity_poly.pdbx_seq_one_letter_code
;HVFRLKKWIQKVIDQFGE
;
_entity_poly.pdbx_strand_id   A
#
# COMPACT_ATOMS: atom_id res chain seq x y z
N HIS A 1 -2.57 -6.39 4.74
CA HIS A 1 -3.21 -6.50 6.04
C HIS A 1 -4.50 -5.66 6.09
N VAL A 2 -4.51 -4.57 5.33
CA VAL A 2 -5.67 -3.69 5.28
C VAL A 2 -6.86 -4.38 4.64
N PHE A 3 -6.74 -4.70 3.36
CA PHE A 3 -7.80 -5.37 2.62
C PHE A 3 -7.32 -6.70 2.05
N ARG A 4 -6.30 -6.65 1.21
CA ARG A 4 -5.74 -7.83 0.60
C ARG A 4 -4.22 -7.83 0.68
N LEU A 5 -3.62 -6.72 0.27
CA LEU A 5 -2.17 -6.58 0.28
C LEU A 5 -1.76 -5.13 0.09
N LYS A 6 -0.62 -4.76 0.69
CA LYS A 6 -0.11 -3.40 0.57
C LYS A 6 1.24 -3.38 -0.14
N LYS A 7 1.67 -4.54 -0.59
CA LYS A 7 2.95 -4.66 -1.30
C LYS A 7 2.75 -4.52 -2.80
N TRP A 8 1.58 -4.92 -3.29
CA TRP A 8 1.27 -4.82 -4.71
C TRP A 8 1.33 -3.38 -5.19
N ILE A 9 1.23 -2.45 -4.25
CA ILE A 9 1.27 -1.02 -4.57
C ILE A 9 1.78 -0.20 -3.39
N GLN A 10 2.69 -0.78 -2.62
CA GLN A 10 3.26 -0.10 -1.46
C GLN A 10 3.74 1.29 -1.83
N LYS A 11 4.07 1.49 -3.10
CA LYS A 11 4.54 2.78 -3.58
C LYS A 11 3.42 3.82 -3.54
N VAL A 12 2.24 3.43 -4.00
CA VAL A 12 1.09 4.32 -4.02
C VAL A 12 0.67 4.71 -2.60
N ILE A 13 0.50 3.71 -1.74
CA ILE A 13 0.12 3.94 -0.36
C ILE A 13 1.21 4.66 0.40
N ASP A 14 2.46 4.38 0.04
CA ASP A 14 3.60 5.01 0.70
C ASP A 14 3.44 6.53 0.73
N GLN A 15 2.71 7.07 -0.24
CA GLN A 15 2.48 8.51 -0.31
C GLN A 15 1.05 8.84 0.09
N PHE A 16 0.19 7.84 0.11
CA PHE A 16 -1.21 8.04 0.47
C PHE A 16 -1.38 8.11 1.98
N GLY A 17 -0.45 7.47 2.70
CA GLY A 17 -0.51 7.47 4.15
C GLY A 17 0.86 7.56 4.79
N GLU A 18 1.80 8.21 4.10
CA GLU A 18 3.15 8.35 4.60
C GLU A 18 3.74 6.99 4.98
N HIS A 1 -8.63 -3.85 0.82
CA HIS A 1 -8.24 -3.26 2.10
C HIS A 1 -7.20 -2.16 1.87
N VAL A 2 -6.62 -1.68 2.96
CA VAL A 2 -5.61 -0.62 2.90
C VAL A 2 -4.22 -1.18 3.22
N PHE A 3 -4.18 -2.25 3.99
CA PHE A 3 -2.91 -2.86 4.38
C PHE A 3 -2.93 -4.37 4.09
N ARG A 4 -3.76 -4.77 3.12
CA ARG A 4 -3.87 -6.17 2.75
C ARG A 4 -3.60 -6.36 1.26
N LEU A 5 -2.84 -5.44 0.68
CA LEU A 5 -2.51 -5.50 -0.75
C LEU A 5 -1.27 -6.36 -0.98
N LYS A 6 -1.07 -6.78 -2.22
CA LYS A 6 0.07 -7.60 -2.59
C LYS A 6 1.37 -6.83 -2.44
N LYS A 7 2.48 -7.48 -2.75
CA LYS A 7 3.80 -6.85 -2.67
C LYS A 7 4.25 -6.35 -4.04
N TRP A 8 3.40 -5.57 -4.70
CA TRP A 8 3.72 -5.03 -6.01
C TRP A 8 3.38 -3.55 -6.09
N ILE A 9 3.05 -2.96 -4.94
CA ILE A 9 2.72 -1.55 -4.87
C ILE A 9 3.19 -0.92 -3.57
N GLN A 10 4.31 -1.43 -3.05
CA GLN A 10 4.88 -0.91 -1.81
C GLN A 10 5.03 0.59 -1.86
N LYS A 11 5.12 1.14 -3.08
CA LYS A 11 5.27 2.58 -3.26
C LYS A 11 4.00 3.32 -2.86
N VAL A 12 2.86 2.85 -3.36
CA VAL A 12 1.57 3.46 -3.05
C VAL A 12 1.26 3.36 -1.56
N ILE A 13 1.36 2.16 -1.02
CA ILE A 13 1.09 1.94 0.40
C ILE A 13 2.10 2.68 1.27
N ASP A 14 3.33 2.80 0.78
CA ASP A 14 4.38 3.49 1.51
C ASP A 14 3.91 4.87 1.97
N GLN A 15 2.98 5.45 1.22
CA GLN A 15 2.44 6.77 1.54
C GLN A 15 0.99 6.66 2.00
N PHE A 16 0.37 5.52 1.73
CA PHE A 16 -1.02 5.30 2.10
C PHE A 16 -1.91 6.43 1.62
N GLY A 17 -2.39 6.32 0.38
CA GLY A 17 -3.24 7.34 -0.19
C GLY A 17 -4.46 7.62 0.66
N GLU A 18 -5.55 6.91 0.37
CA GLU A 18 -6.79 7.07 1.12
C GLU A 18 -6.88 6.07 2.26
N HIS A 1 -7.97 -7.72 2.50
CA HIS A 1 -6.69 -8.41 2.60
C HIS A 1 -5.59 -7.61 1.92
N VAL A 2 -5.94 -6.92 0.84
CA VAL A 2 -4.98 -6.12 0.09
C VAL A 2 -4.38 -5.02 0.98
N PHE A 3 -5.15 -4.59 1.98
CA PHE A 3 -4.69 -3.55 2.89
C PHE A 3 -3.49 -4.03 3.70
N ARG A 4 -3.39 -5.35 3.88
CA ARG A 4 -2.29 -5.93 4.64
C ARG A 4 -1.10 -6.22 3.73
N LEU A 5 -1.37 -6.42 2.45
CA LEU A 5 -0.32 -6.69 1.48
C LEU A 5 0.79 -5.65 1.56
N LYS A 6 0.48 -4.43 1.14
CA LYS A 6 1.44 -3.34 1.17
C LYS A 6 2.75 -3.75 0.49
N LYS A 7 2.63 -4.31 -0.70
CA LYS A 7 3.79 -4.75 -1.47
C LYS A 7 3.54 -4.65 -2.97
N TRP A 8 2.38 -5.13 -3.40
CA TRP A 8 2.02 -5.09 -4.81
C TRP A 8 1.82 -3.66 -5.28
N ILE A 9 1.73 -2.73 -4.33
CA ILE A 9 1.55 -1.32 -4.65
C ILE A 9 1.87 -0.45 -3.44
N GLN A 10 2.74 -0.93 -2.57
CA GLN A 10 3.13 -0.18 -1.38
C GLN A 10 3.58 1.23 -1.75
N LYS A 11 3.99 1.41 -3.00
CA LYS A 11 4.43 2.71 -3.48
C LYS A 11 3.28 3.70 -3.54
N VAL A 12 2.15 3.27 -4.10
CA VAL A 12 0.97 4.11 -4.22
C VAL A 12 0.45 4.52 -2.84
N ILE A 13 0.27 3.53 -1.97
CA ILE A 13 -0.22 3.78 -0.62
C ILE A 13 0.79 4.57 0.19
N ASP A 14 2.07 4.33 -0.08
CA ASP A 14 3.14 5.02 0.63
C ASP A 14 2.94 6.53 0.60
N GLN A 15 2.26 7.00 -0.45
CA GLN A 15 2.00 8.43 -0.60
C GLN A 15 0.51 8.73 -0.45
N PHE A 16 -0.31 7.68 -0.45
CA PHE A 16 -1.75 7.83 -0.31
C PHE A 16 -2.13 8.06 1.14
N GLY A 17 -1.74 7.12 2.00
CA GLY A 17 -2.06 7.23 3.41
C GLY A 17 -1.42 6.13 4.24
N GLU A 18 -0.17 6.33 4.62
CA GLU A 18 0.55 5.34 5.42
C GLU A 18 -0.25 4.96 6.66
N HIS A 1 2.57 -10.43 8.15
CA HIS A 1 2.44 -10.64 6.71
C HIS A 1 0.97 -10.66 6.30
N VAL A 2 0.56 -9.65 5.54
CA VAL A 2 -0.81 -9.54 5.07
C VAL A 2 -0.95 -10.08 3.65
N PHE A 3 0.10 -9.91 2.85
CA PHE A 3 0.09 -10.38 1.47
C PHE A 3 -0.86 -9.55 0.62
N ARG A 4 -2.16 -9.79 0.79
CA ARG A 4 -3.18 -9.07 0.04
C ARG A 4 -3.04 -7.55 0.25
N LEU A 5 -2.95 -7.15 1.51
CA LEU A 5 -2.82 -5.73 1.84
C LEU A 5 -4.08 -4.97 1.47
N LYS A 6 -4.55 -4.12 2.39
CA LYS A 6 -5.75 -3.32 2.15
C LYS A 6 -5.65 -2.57 0.83
N LYS A 7 -4.43 -2.25 0.42
CA LYS A 7 -4.20 -1.52 -0.82
C LYS A 7 -3.35 -2.35 -1.78
N TRP A 8 -3.70 -2.31 -3.06
CA TRP A 8 -2.98 -3.06 -4.08
C TRP A 8 -1.71 -2.32 -4.50
N ILE A 9 -1.45 -1.19 -3.86
CA ILE A 9 -0.28 -0.38 -4.16
C ILE A 9 0.14 0.46 -2.97
N GLN A 10 -0.04 -0.08 -1.77
CA GLN A 10 0.32 0.63 -0.55
C GLN A 10 1.75 1.16 -0.62
N LYS A 11 2.57 0.51 -1.44
CA LYS A 11 3.96 0.92 -1.61
C LYS A 11 4.04 2.29 -2.29
N VAL A 12 3.30 2.44 -3.38
CA VAL A 12 3.28 3.69 -4.13
C VAL A 12 2.76 4.84 -3.28
N ILE A 13 1.60 4.62 -2.65
CA ILE A 13 0.99 5.64 -1.80
C ILE A 13 1.84 5.90 -0.55
N ASP A 14 2.50 4.84 -0.07
CA ASP A 14 3.35 4.96 1.11
C ASP A 14 4.33 6.12 0.97
N GLN A 15 4.68 6.44 -0.27
CA GLN A 15 5.61 7.53 -0.54
C GLN A 15 4.89 8.71 -1.20
N PHE A 16 3.68 8.47 -1.67
CA PHE A 16 2.89 9.52 -2.31
C PHE A 16 2.28 10.46 -1.29
N GLY A 17 2.03 9.95 -0.09
CA GLY A 17 1.45 10.76 0.97
C GLY A 17 0.00 10.41 1.23
N GLU A 18 -0.27 9.84 2.40
CA GLU A 18 -1.63 9.46 2.76
C GLU A 18 -2.27 10.54 3.65
N HIS A 1 -6.66 -0.39 0.74
CA HIS A 1 -7.72 -1.36 0.50
C HIS A 1 -7.79 -2.38 1.63
N VAL A 2 -8.69 -3.34 1.49
CA VAL A 2 -8.86 -4.38 2.50
C VAL A 2 -7.98 -5.60 2.20
N PHE A 3 -6.68 -5.34 1.99
CA PHE A 3 -5.74 -6.41 1.69
C PHE A 3 -4.50 -6.30 2.57
N ARG A 4 -3.99 -5.08 2.72
CA ARG A 4 -2.81 -4.85 3.53
C ARG A 4 -1.62 -5.65 3.02
N LEU A 5 -1.57 -5.85 1.70
CA LEU A 5 -0.48 -6.61 1.08
C LEU A 5 0.55 -5.67 0.46
N LYS A 6 1.62 -5.40 1.20
CA LYS A 6 2.68 -4.53 0.71
C LYS A 6 3.45 -5.18 -0.42
N LYS A 7 2.92 -5.08 -1.64
CA LYS A 7 3.55 -5.66 -2.82
C LYS A 7 2.75 -5.36 -4.08
N TRP A 8 1.47 -5.71 -4.06
CA TRP A 8 0.59 -5.47 -5.20
C TRP A 8 0.37 -3.98 -5.40
N ILE A 9 0.79 -3.17 -4.44
CA ILE A 9 0.63 -1.72 -4.52
C ILE A 9 1.49 -1.02 -3.47
N GLN A 10 2.58 -1.67 -3.07
CA GLN A 10 3.48 -1.10 -2.07
C GLN A 10 3.88 0.32 -2.46
N LYS A 11 3.77 0.64 -3.74
CA LYS A 11 4.12 1.97 -4.23
C LYS A 11 3.14 3.02 -3.71
N VAL A 12 1.85 2.71 -3.80
CA VAL A 12 0.81 3.63 -3.35
C VAL A 12 0.93 3.89 -1.85
N ILE A 13 1.01 2.80 -1.08
CA ILE A 13 1.13 2.91 0.37
C ILE A 13 2.46 3.53 0.77
N ASP A 14 3.49 3.26 -0.02
CA ASP A 14 4.82 3.80 0.25
C ASP A 14 4.77 5.31 0.44
N GLN A 15 3.78 5.95 -0.18
CA GLN A 15 3.62 7.39 -0.08
C GLN A 15 2.36 7.75 0.70
N PHE A 16 1.50 6.75 0.92
CA PHE A 16 0.26 6.96 1.66
C PHE A 16 0.35 6.36 3.06
N GLY A 17 1.19 6.96 3.90
CA GLY A 17 1.36 6.48 5.25
C GLY A 17 0.47 7.20 6.25
N GLU A 18 -0.76 7.50 5.81
CA GLU A 18 -1.72 8.20 6.66
C GLU A 18 -3.10 7.57 6.55
N HIS A 1 -7.75 -5.62 -2.00
CA HIS A 1 -8.47 -4.77 -1.06
C HIS A 1 -8.80 -5.52 0.23
N VAL A 2 -8.04 -5.25 1.28
CA VAL A 2 -8.25 -5.91 2.56
C VAL A 2 -7.91 -4.98 3.72
N PHE A 3 -6.64 -4.60 3.81
CA PHE A 3 -6.18 -3.70 4.87
C PHE A 3 -4.72 -3.32 4.67
N ARG A 4 -3.92 -4.28 4.20
CA ARG A 4 -2.51 -4.05 3.96
C ARG A 4 -2.17 -4.20 2.48
N LEU A 5 -2.97 -4.99 1.78
CA LEU A 5 -2.75 -5.21 0.36
C LEU A 5 -1.44 -5.94 0.10
N LYS A 6 -1.37 -6.69 -0.99
CA LYS A 6 -0.17 -7.43 -1.35
C LYS A 6 1.06 -6.54 -1.29
N LYS A 7 2.21 -7.13 -0.98
CA LYS A 7 3.45 -6.39 -0.89
C LYS A 7 4.03 -6.11 -2.28
N TRP A 8 3.28 -5.35 -3.08
CA TRP A 8 3.72 -5.00 -4.43
C TRP A 8 3.17 -3.65 -4.85
N ILE A 9 2.70 -2.87 -3.88
CA ILE A 9 2.16 -1.55 -4.15
C ILE A 9 2.73 -0.51 -3.21
N GLN A 10 3.95 -0.77 -2.72
CA GLN A 10 4.62 0.14 -1.81
C GLN A 10 4.68 1.55 -2.41
N LYS A 11 4.53 1.64 -3.72
CA LYS A 11 4.56 2.93 -4.40
C LYS A 11 3.34 3.77 -4.05
N VAL A 12 2.17 3.16 -4.15
CA VAL A 12 0.92 3.86 -3.83
C VAL A 12 0.89 4.31 -2.38
N ILE A 13 1.14 3.37 -1.47
CA ILE A 13 1.14 3.66 -0.05
C ILE A 13 2.24 4.64 0.31
N ASP A 14 3.35 4.58 -0.41
CA ASP A 14 4.48 5.46 -0.18
C ASP A 14 4.02 6.92 -0.14
N GLN A 15 2.95 7.22 -0.85
CA GLN A 15 2.41 8.58 -0.90
C GLN A 15 1.09 8.66 -0.14
N PHE A 16 0.50 7.51 0.16
CA PHE A 16 -0.76 7.46 0.88
C PHE A 16 -0.64 6.60 2.14
N GLY A 17 0.03 7.14 3.15
CA GLY A 17 0.21 6.41 4.40
C GLY A 17 -0.97 6.58 5.33
N GLU A 18 -0.90 7.61 6.18
CA GLU A 18 -1.96 7.88 7.14
C GLU A 18 -1.84 9.29 7.71
N HIS A 1 -4.46 -12.33 7.47
CA HIS A 1 -5.57 -12.50 6.53
C HIS A 1 -5.06 -12.59 5.10
N VAL A 2 -4.20 -11.66 4.72
CA VAL A 2 -3.64 -11.64 3.37
C VAL A 2 -4.74 -11.69 2.33
N PHE A 3 -5.72 -10.79 2.44
CA PHE A 3 -6.83 -10.75 1.51
C PHE A 3 -6.43 -10.00 0.23
N ARG A 4 -5.59 -8.98 0.38
CA ARG A 4 -5.14 -8.19 -0.75
C ARG A 4 -3.76 -7.61 -0.49
N LEU A 5 -2.90 -8.39 0.14
CA LEU A 5 -1.55 -7.95 0.45
C LEU A 5 -1.56 -6.80 1.47
N LYS A 6 -0.55 -6.76 2.32
CA LYS A 6 -0.45 -5.72 3.34
C LYS A 6 -0.48 -4.33 2.69
N LYS A 7 -0.14 -4.27 1.41
CA LYS A 7 -0.13 -3.01 0.69
C LYS A 7 -0.37 -3.24 -0.81
N TRP A 8 0.60 -3.88 -1.46
CA TRP A 8 0.50 -4.17 -2.89
C TRP A 8 0.62 -2.89 -3.71
N ILE A 9 0.85 -1.77 -3.03
CA ILE A 9 0.98 -0.49 -3.70
C ILE A 9 1.66 0.54 -2.79
N GLN A 10 2.53 0.05 -1.90
CA GLN A 10 3.24 0.93 -0.98
C GLN A 10 3.94 2.06 -1.73
N LYS A 11 4.19 1.84 -3.02
CA LYS A 11 4.84 2.84 -3.85
C LYS A 11 3.93 4.04 -4.10
N VAL A 12 2.66 3.76 -4.37
CA VAL A 12 1.68 4.81 -4.63
C VAL A 12 1.46 5.66 -3.38
N ILE A 13 1.18 5.00 -2.26
CA ILE A 13 0.94 5.69 -0.99
C ILE A 13 2.22 6.36 -0.50
N ASP A 14 3.36 5.75 -0.80
CA ASP A 14 4.65 6.30 -0.38
C ASP A 14 4.76 7.77 -0.76
N GLN A 15 4.09 8.16 -1.83
CA GLN A 15 4.11 9.53 -2.31
C GLN A 15 2.83 10.26 -1.95
N PHE A 16 1.79 9.50 -1.61
CA PHE A 16 0.51 10.07 -1.26
C PHE A 16 0.24 9.94 0.25
N GLY A 17 0.76 10.90 1.01
CA GLY A 17 0.59 10.87 2.45
C GLY A 17 1.84 10.44 3.19
N GLU A 18 2.87 11.26 3.11
CA GLU A 18 4.14 10.95 3.77
C GLU A 18 4.65 9.57 3.37
N HIS A 1 -6.61 -7.74 8.75
CA HIS A 1 -7.28 -7.86 7.46
C HIS A 1 -6.26 -7.81 6.32
N VAL A 2 -5.64 -8.94 6.04
CA VAL A 2 -4.65 -9.02 4.96
C VAL A 2 -4.69 -10.37 4.27
N PHE A 3 -5.22 -10.39 3.05
CA PHE A 3 -5.33 -11.61 2.28
C PHE A 3 -4.23 -11.69 1.21
N ARG A 4 -4.26 -10.75 0.28
CA ARG A 4 -3.27 -10.70 -0.78
C ARG A 4 -2.07 -9.86 -0.39
N LEU A 5 -2.34 -8.63 0.05
CA LEU A 5 -1.28 -7.71 0.47
C LEU A 5 -1.77 -6.76 1.56
N LYS A 6 -0.88 -5.90 2.03
CA LYS A 6 -1.23 -4.94 3.08
C LYS A 6 -1.29 -3.53 2.52
N LYS A 7 -1.27 -3.42 1.20
CA LYS A 7 -1.33 -2.12 0.53
C LYS A 7 -1.68 -2.28 -0.94
N TRP A 8 -0.91 -3.09 -1.65
CA TRP A 8 -1.14 -3.34 -3.07
C TRP A 8 -0.77 -2.11 -3.90
N ILE A 9 -0.30 -1.07 -3.22
CA ILE A 9 0.09 0.17 -3.89
C ILE A 9 1.04 0.99 -3.02
N GLN A 10 1.86 0.29 -2.24
CA GLN A 10 2.82 0.96 -1.37
C GLN A 10 3.63 2.00 -2.13
N LYS A 11 3.75 1.80 -3.45
CA LYS A 11 4.50 2.71 -4.30
C LYS A 11 3.82 4.07 -4.37
N VAL A 12 2.52 4.06 -4.66
CA VAL A 12 1.75 5.30 -4.75
C VAL A 12 1.79 6.07 -3.44
N ILE A 13 1.45 5.40 -2.35
CA ILE A 13 1.44 6.02 -1.04
C ILE A 13 2.86 6.43 -0.62
N ASP A 14 3.84 5.65 -1.03
CA ASP A 14 5.23 5.93 -0.71
C ASP A 14 5.59 7.38 -1.06
N GLN A 15 4.90 7.93 -2.06
CA GLN A 15 5.14 9.29 -2.49
C GLN A 15 3.98 10.20 -2.11
N PHE A 16 2.86 9.59 -1.74
CA PHE A 16 1.67 10.35 -1.36
C PHE A 16 1.80 10.89 0.07
N GLY A 17 2.23 10.02 0.98
CA GLY A 17 2.40 10.42 2.36
C GLY A 17 2.92 9.30 3.24
N GLU A 18 4.14 8.85 2.94
CA GLU A 18 4.75 7.76 3.71
C GLU A 18 3.84 6.53 3.75
N HIS A 1 -10.03 -7.09 7.31
CA HIS A 1 -10.10 -7.28 5.86
C HIS A 1 -9.21 -6.26 5.15
N VAL A 2 -7.91 -6.57 5.09
CA VAL A 2 -6.95 -5.68 4.43
C VAL A 2 -5.55 -6.29 4.45
N PHE A 3 -4.98 -6.46 3.26
CA PHE A 3 -3.64 -7.03 3.14
C PHE A 3 -2.78 -6.22 2.17
N ARG A 4 -2.69 -4.92 2.42
CA ARG A 4 -1.92 -4.03 1.56
C ARG A 4 -2.33 -4.17 0.10
N LEU A 5 -3.63 -4.32 -0.12
CA LEU A 5 -4.17 -4.47 -1.47
C LEU A 5 -3.71 -5.78 -2.09
N LYS A 6 -2.47 -5.82 -2.57
CA LYS A 6 -1.92 -7.02 -3.19
C LYS A 6 -0.43 -7.14 -2.89
N LYS A 7 0.04 -6.35 -1.93
CA LYS A 7 1.45 -6.37 -1.54
C LYS A 7 2.34 -5.84 -2.67
N TRP A 8 1.70 -5.26 -3.68
CA TRP A 8 2.43 -4.71 -4.82
C TRP A 8 2.14 -3.22 -4.98
N ILE A 9 1.83 -2.56 -3.87
CA ILE A 9 1.53 -1.13 -3.90
C ILE A 9 2.49 -0.35 -3.00
N GLN A 10 3.67 -0.92 -2.78
CA GLN A 10 4.67 -0.28 -1.94
C GLN A 10 4.99 1.12 -2.44
N LYS A 11 4.62 1.39 -3.69
CA LYS A 11 4.87 2.70 -4.29
C LYS A 11 3.93 3.75 -3.71
N VAL A 12 2.66 3.39 -3.57
CA VAL A 12 1.66 4.30 -3.01
C VAL A 12 1.95 4.60 -1.54
N ILE A 13 2.15 3.55 -0.76
CA ILE A 13 2.42 3.69 0.66
C ILE A 13 3.76 4.38 0.89
N ASP A 14 4.71 4.14 -0.02
CA ASP A 14 6.04 4.74 0.09
C ASP A 14 5.93 6.25 0.29
N GLN A 15 4.85 6.84 -0.20
CA GLN A 15 4.64 8.27 -0.08
C GLN A 15 3.50 8.57 0.89
N PHE A 16 2.69 7.56 1.17
CA PHE A 16 1.56 7.72 2.08
C PHE A 16 0.70 8.91 1.69
N GLY A 17 -0.24 8.69 0.78
CA GLY A 17 -1.11 9.76 0.33
C GLY A 17 -2.37 9.87 1.16
N GLU A 18 -3.46 9.28 0.67
CA GLU A 18 -4.73 9.32 1.37
C GLU A 18 -5.48 7.99 1.23
N HIS A 1 -6.78 -15.37 -4.25
CA HIS A 1 -6.24 -15.19 -2.91
C HIS A 1 -5.21 -14.06 -2.88
N VAL A 2 -5.32 -13.17 -1.89
CA VAL A 2 -4.40 -12.06 -1.76
C VAL A 2 -4.73 -11.23 -0.52
N PHE A 3 -3.74 -11.10 0.37
CA PHE A 3 -3.92 -10.33 1.60
C PHE A 3 -2.60 -10.18 2.35
N ARG A 4 -1.50 -10.10 1.59
CA ARG A 4 -0.18 -9.95 2.17
C ARG A 4 0.36 -8.53 1.95
N LEU A 5 -0.55 -7.56 1.95
CA LEU A 5 -0.17 -6.16 1.75
C LEU A 5 -0.77 -5.28 2.85
N LYS A 6 0.08 -4.49 3.48
CA LYS A 6 -0.36 -3.59 4.55
C LYS A 6 -1.47 -2.67 4.05
N LYS A 7 -1.50 -2.43 2.74
CA LYS A 7 -2.52 -1.58 2.14
C LYS A 7 -2.80 -2.00 0.71
N TRP A 8 -4.01 -1.70 0.24
CA TRP A 8 -4.41 -2.05 -1.13
C TRP A 8 -3.62 -1.24 -2.14
N ILE A 9 -2.82 -0.29 -1.66
CA ILE A 9 -2.02 0.56 -2.52
C ILE A 9 -0.81 1.12 -1.78
N GLN A 10 -0.25 0.31 -0.88
CA GLN A 10 0.92 0.72 -0.11
C GLN A 10 2.01 1.27 -1.02
N LYS A 11 2.01 0.83 -2.28
CA LYS A 11 2.99 1.28 -3.24
C LYS A 11 2.80 2.75 -3.59
N VAL A 12 1.54 3.14 -3.81
CA VAL A 12 1.23 4.52 -4.14
C VAL A 12 1.54 5.46 -2.97
N ILE A 13 1.06 5.10 -1.79
CA ILE A 13 1.30 5.90 -0.60
C ILE A 13 2.77 5.88 -0.20
N ASP A 14 3.44 4.77 -0.48
CA ASP A 14 4.86 4.63 -0.16
C ASP A 14 5.65 5.80 -0.70
N GLN A 15 5.16 6.41 -1.78
CA GLN A 15 5.84 7.56 -2.39
C GLN A 15 5.08 8.85 -2.10
N PHE A 16 3.83 8.72 -1.66
CA PHE A 16 3.00 9.88 -1.35
C PHE A 16 2.41 9.75 0.06
N GLY A 17 3.23 10.00 1.07
CA GLY A 17 2.77 9.92 2.44
C GLY A 17 3.31 11.05 3.31
N GLU A 18 4.62 11.05 3.51
CA GLU A 18 5.26 12.08 4.33
C GLU A 18 6.08 13.03 3.47
#